data_8WMG
#
_entry.id   8WMG
#
_cell.length_a   111.928
_cell.length_b   117.486
_cell.length_c   131.864
_cell.angle_alpha   90.00
_cell.angle_beta   90.00
_cell.angle_gamma   90.00
#
_symmetry.space_group_name_H-M   'C 2 2 21'
#
loop_
_entity.id
_entity.type
_entity.pdbx_description
1 polymer Concanavalin-A
2 non-polymer '4-[3,5-bis(4-carboxyphenyl)phenyl]benzoic acid'
3 non-polymer ETHANOLAMINE
4 non-polymer alpha-D-mannopyranose
5 non-polymer 'MANGANESE (II) ION'
6 non-polymer 'CALCIUM ION'
7 water water
#
_entity_poly.entity_id   1
_entity_poly.type   'polypeptide(L)'
_entity_poly.pdbx_seq_one_letter_code
;ADTIVAVELDTYPNTDIGDPSYPHIGIDIKSVRSKKTAKWNMQNGKVGTAHIIYNSVDKRLSAVVSYPNADSATVSYDVD
LDNVLPEWVRVGLSASTGLYKETNTILSWSFTSKLKSNSTHETNALHFMFNQFSKDQKDLILQGDATTGTDGNLELTRVS
SNGSPQGSSVGRALFYAPVHIWESSAVVASFEATFTFLIKSPDSHPADGIAFFISNIDSSIPSGSTGRLLGLFPDAN
;
_entity_poly.pdbx_strand_id   A,B
#
# COMPACT_ATOMS: atom_id res chain seq x y z
N ALA A 1 -2.73 25.83 -1.71
CA ALA A 1 -1.54 25.20 -2.33
C ALA A 1 -1.13 23.99 -1.47
N ASP A 2 -0.51 23.02 -2.13
CA ASP A 2 0.00 21.77 -1.53
C ASP A 2 1.07 22.10 -0.50
N THR A 3 1.27 21.20 0.45
CA THR A 3 2.46 21.16 1.33
C THR A 3 3.43 20.13 0.72
N ILE A 4 4.67 20.51 0.47
CA ILE A 4 5.68 19.62 -0.18
C ILE A 4 6.94 19.58 0.68
N VAL A 5 7.45 18.40 0.91
CA VAL A 5 8.84 18.11 1.34
C VAL A 5 9.44 17.25 0.24
N ALA A 6 10.66 17.53 -0.20
CA ALA A 6 11.21 16.82 -1.36
C ALA A 6 12.73 16.75 -1.24
N VAL A 7 13.29 15.71 -1.83
CA VAL A 7 14.72 15.61 -2.15
C VAL A 7 14.81 15.79 -3.67
N GLU A 8 15.46 16.87 -4.10
CA GLU A 8 15.66 17.16 -5.55
C GLU A 8 17.02 16.64 -6.05
N LEU A 9 16.99 15.95 -7.18
CA LEU A 9 18.18 15.71 -8.01
C LEU A 9 18.07 16.72 -9.16
N ASP A 10 18.72 17.86 -8.99
CA ASP A 10 18.55 19.10 -9.79
C ASP A 10 19.69 19.16 -10.82
N THR A 11 19.39 18.89 -12.08
CA THR A 11 20.40 18.77 -13.16
C THR A 11 20.74 20.14 -13.73
N TYR A 12 19.97 21.19 -13.42
CA TYR A 12 20.05 22.49 -14.14
C TYR A 12 20.19 23.68 -13.20
N PRO A 13 21.26 24.48 -13.40
CA PRO A 13 21.58 25.61 -12.51
C PRO A 13 20.79 26.90 -12.75
N ASN A 14 19.67 27.02 -12.03
CA ASN A 14 18.77 28.20 -12.07
C ASN A 14 19.31 29.19 -11.03
N THR A 15 20.40 29.89 -11.37
CA THR A 15 21.22 30.67 -10.40
C THR A 15 20.43 31.88 -9.87
N ASP A 16 19.43 32.36 -10.58
CA ASP A 16 18.55 33.45 -10.14
C ASP A 16 17.62 33.02 -9.00
N ILE A 17 17.33 31.72 -8.77
CA ILE A 17 16.44 31.32 -7.64
C ILE A 17 17.25 30.51 -6.64
N GLY A 18 18.55 30.79 -6.56
CA GLY A 18 19.45 30.29 -5.51
C GLY A 18 20.09 28.95 -5.83
N ASP A 19 19.87 28.33 -7.00
CA ASP A 19 20.65 27.12 -7.36
C ASP A 19 22.12 27.50 -7.40
N PRO A 20 23.03 26.59 -6.99
CA PRO A 20 24.43 26.72 -7.32
C PRO A 20 24.66 26.53 -8.83
N SER A 21 25.90 26.82 -9.24
CA SER A 21 26.39 26.81 -10.64
C SER A 21 26.43 25.44 -11.28
N TYR A 22 26.21 24.39 -10.50
CA TYR A 22 26.46 23.00 -10.92
C TYR A 22 25.23 22.17 -10.56
N PRO A 23 25.10 20.98 -11.15
CA PRO A 23 24.08 19.99 -10.75
C PRO A 23 24.26 19.67 -9.26
N HIS A 24 23.18 19.49 -8.51
CA HIS A 24 23.24 19.46 -7.03
C HIS A 24 22.10 18.56 -6.54
N ILE A 25 22.25 18.00 -5.35
CA ILE A 25 21.11 17.34 -4.65
C ILE A 25 20.69 18.31 -3.57
N GLY A 26 19.41 18.39 -3.31
CA GLY A 26 18.91 19.37 -2.35
C GLY A 26 17.77 18.83 -1.53
N ILE A 27 17.62 19.39 -0.35
CA ILE A 27 16.44 19.14 0.49
C ILE A 27 15.56 20.38 0.44
N ASP A 28 14.32 20.18 0.01
CA ASP A 28 13.29 21.22 -0.22
C ASP A 28 12.18 21.07 0.83
N ILE A 29 12.01 22.07 1.69
CA ILE A 29 10.92 22.11 2.69
C ILE A 29 10.04 23.29 2.29
N LYS A 30 8.96 23.04 1.57
CA LYS A 30 7.91 24.01 1.23
C LYS A 30 8.45 25.09 0.31
N SER A 31 9.61 24.89 -0.31
CA SER A 31 10.14 25.84 -1.31
C SER A 31 11.12 25.10 -2.21
N VAL A 32 11.18 25.51 -3.48
CA VAL A 32 12.14 25.02 -4.50
C VAL A 32 13.51 25.54 -4.13
N ARG A 33 13.57 26.55 -3.26
CA ARG A 33 14.88 27.07 -2.83
C ARG A 33 15.37 26.19 -1.68
N SER A 34 16.24 25.24 -2.01
CA SER A 34 16.68 24.14 -1.12
C SER A 34 17.23 24.76 0.18
N LYS A 35 16.88 24.19 1.32
CA LYS A 35 17.43 24.57 2.64
C LYS A 35 18.86 24.07 2.71
N LYS A 36 19.21 23.05 1.96
CA LYS A 36 20.60 22.53 1.98
C LYS A 36 20.87 21.89 0.64
N THR A 37 22.08 21.99 0.11
CA THR A 37 22.46 21.39 -1.18
C THR A 37 23.84 20.78 -1.05
N ALA A 38 24.17 19.90 -1.96
CA ALA A 38 25.52 19.35 -2.16
C ALA A 38 25.74 19.20 -3.66
N LYS A 39 26.99 19.38 -4.05
CA LYS A 39 27.43 19.20 -5.45
C LYS A 39 27.18 17.75 -5.87
N TRP A 40 26.70 17.57 -7.08
CA TRP A 40 26.42 16.23 -7.64
C TRP A 40 27.15 16.08 -8.97
N ASN A 41 28.13 15.17 -9.04
CA ASN A 41 28.85 14.89 -10.31
C ASN A 41 27.96 13.97 -11.15
N MET A 42 26.92 14.55 -11.73
CA MET A 42 25.84 13.80 -12.43
C MET A 42 26.50 13.16 -13.65
N GLN A 43 26.20 11.90 -14.00
CA GLN A 43 26.80 11.25 -15.19
C GLN A 43 25.71 11.02 -16.24
N ASN A 44 25.72 11.80 -17.31
CA ASN A 44 24.79 11.68 -18.47
C ASN A 44 24.70 10.21 -18.90
N GLY A 45 23.50 9.63 -18.86
CA GLY A 45 23.17 8.29 -19.42
C GLY A 45 23.68 7.08 -18.65
N LYS A 46 24.17 7.20 -17.41
CA LYS A 46 24.47 6.01 -16.56
C LYS A 46 23.34 5.85 -15.53
N VAL A 47 23.04 4.65 -15.10
CA VAL A 47 22.00 4.38 -14.07
C VAL A 47 22.54 4.83 -12.71
N GLY A 48 21.80 5.73 -12.03
CA GLY A 48 22.09 6.16 -10.66
C GLY A 48 21.15 5.54 -9.65
N THR A 49 21.52 5.61 -8.37
CA THR A 49 20.66 5.21 -7.24
C THR A 49 20.56 6.37 -6.25
N ALA A 50 19.36 6.68 -5.78
CA ALA A 50 19.11 7.63 -4.69
C ALA A 50 18.52 6.89 -3.49
N HIS A 51 19.05 7.17 -2.30
CA HIS A 51 18.57 6.63 -1.00
C HIS A 51 18.18 7.80 -0.12
N ILE A 52 16.95 7.81 0.34
CA ILE A 52 16.41 8.88 1.21
C ILE A 52 16.05 8.25 2.55
N ILE A 53 16.44 8.88 3.67
CA ILE A 53 16.17 8.32 5.02
C ILE A 53 15.73 9.44 5.95
N TYR A 54 14.85 9.11 6.87
CA TYR A 54 14.40 10.00 7.96
C TYR A 54 14.02 9.12 9.16
N ASN A 55 14.33 9.59 10.35
CA ASN A 55 13.67 9.06 11.56
C ASN A 55 13.39 10.22 12.52
N SER A 56 12.31 10.07 13.27
CA SER A 56 11.81 11.03 14.29
C SER A 56 12.74 11.06 15.50
N VAL A 57 13.70 10.16 15.63
CA VAL A 57 14.63 10.25 16.78
C VAL A 57 15.63 11.36 16.46
N ASP A 58 16.34 11.25 15.36
CA ASP A 58 17.31 12.30 14.94
C ASP A 58 16.61 13.51 14.32
N LYS A 59 15.39 13.40 13.80
CA LYS A 59 14.70 14.51 13.07
C LYS A 59 15.65 15.08 12.01
N ARG A 60 16.21 14.20 11.19
CA ARG A 60 17.19 14.54 10.16
C ARG A 60 16.78 13.86 8.84
N LEU A 61 16.44 14.61 7.81
CA LEU A 61 16.21 14.05 6.45
C LEU A 61 17.54 14.00 5.70
N SER A 62 17.95 12.84 5.20
CA SER A 62 19.23 12.71 4.48
C SER A 62 18.99 12.00 3.16
N ALA A 63 19.88 12.24 2.23
CA ALA A 63 19.85 11.59 0.92
C ALA A 63 21.28 11.33 0.43
N VAL A 64 21.45 10.24 -0.31
CA VAL A 64 22.74 9.82 -0.93
C VAL A 64 22.41 9.45 -2.35
N VAL A 65 23.06 10.08 -3.32
CA VAL A 65 22.98 9.68 -4.74
C VAL A 65 24.35 9.14 -5.17
N SER A 66 24.36 8.03 -5.90
CA SER A 66 25.60 7.28 -6.24
C SER A 66 25.46 6.67 -7.63
N TYR A 67 26.59 6.39 -8.25
CA TYR A 67 26.70 5.51 -9.43
C TYR A 67 27.74 4.45 -9.12
N PRO A 68 27.73 3.32 -9.84
CA PRO A 68 28.83 2.37 -9.73
C PRO A 68 30.19 3.09 -9.89
N ASN A 69 31.13 2.80 -8.98
CA ASN A 69 32.58 3.14 -9.11
C ASN A 69 32.79 4.65 -8.99
N ALA A 70 31.93 5.38 -8.28
CA ALA A 70 32.07 6.84 -8.16
C ALA A 70 31.82 7.24 -6.73
N ASP A 71 32.29 8.41 -6.34
CA ASP A 71 32.04 8.97 -4.99
C ASP A 71 30.57 9.41 -4.95
N SER A 72 29.89 9.04 -3.89
CA SER A 72 28.52 9.51 -3.58
C SER A 72 28.46 11.02 -3.39
N ALA A 73 27.27 11.59 -3.52
CA ALA A 73 26.93 12.93 -3.01
C ALA A 73 25.93 12.74 -1.87
N THR A 74 26.03 13.49 -0.78
CA THR A 74 25.10 13.28 0.34
C THR A 74 24.70 14.66 0.86
N VAL A 75 23.49 14.77 1.38
CA VAL A 75 22.97 16.05 1.90
C VAL A 75 22.04 15.71 3.04
N SER A 76 22.13 16.45 4.13
CA SER A 76 21.28 16.28 5.33
C SER A 76 20.75 17.60 5.82
N TYR A 77 19.59 17.57 6.44
CA TYR A 77 19.00 18.76 7.03
C TYR A 77 18.19 18.35 8.25
N ASP A 78 18.36 19.07 9.34
CA ASP A 78 17.58 18.85 10.58
C ASP A 78 16.25 19.51 10.35
N VAL A 79 15.19 18.74 10.47
CA VAL A 79 13.81 19.25 10.31
C VAL A 79 12.92 18.27 11.05
N ASP A 80 11.94 18.80 11.74
CA ASP A 80 10.93 18.01 12.47
C ASP A 80 9.72 17.95 11.53
N LEU A 81 9.60 16.86 10.77
CA LEU A 81 8.55 16.73 9.73
C LEU A 81 7.15 16.74 10.36
N ASP A 82 6.97 16.48 11.66
CA ASP A 82 5.58 16.60 12.18
C ASP A 82 5.18 18.08 12.36
N ASN A 83 6.12 19.03 12.33
CA ASN A 83 5.81 20.48 12.31
C ASN A 83 5.57 20.94 10.87
N VAL A 84 5.80 20.11 9.84
CA VAL A 84 5.78 20.54 8.41
C VAL A 84 4.63 19.87 7.66
N LEU A 85 4.52 18.55 7.73
CA LEU A 85 3.56 17.76 6.92
C LEU A 85 2.31 17.49 7.73
N PRO A 86 1.18 17.25 7.04
CA PRO A 86 0.03 16.62 7.69
C PRO A 86 0.38 15.18 8.12
N GLU A 87 -0.40 14.66 9.06
CA GLU A 87 -0.26 13.29 9.59
C GLU A 87 -0.30 12.22 8.48
N TRP A 88 -1.20 12.42 7.52
CA TRP A 88 -1.46 11.52 6.37
C TRP A 88 -0.99 12.22 5.10
N VAL A 89 -0.23 11.49 4.28
CA VAL A 89 0.40 12.05 3.07
C VAL A 89 0.27 11.06 1.90
N ARG A 90 0.66 11.48 0.70
CA ARG A 90 1.08 10.55 -0.34
C ARG A 90 2.57 10.76 -0.63
N VAL A 91 3.23 9.70 -1.10
CA VAL A 91 4.63 9.77 -1.53
C VAL A 91 4.68 9.54 -3.04
N GLY A 92 5.65 10.16 -3.68
CA GLY A 92 5.71 10.16 -5.13
C GLY A 92 7.09 10.51 -5.65
N LEU A 93 7.18 10.44 -6.97
CA LEU A 93 8.33 10.90 -7.75
C LEU A 93 7.77 11.93 -8.75
N SER A 94 8.56 12.93 -9.07
CA SER A 94 8.23 14.07 -9.96
C SER A 94 9.43 14.38 -10.82
N ALA A 95 9.18 14.87 -12.02
CA ALA A 95 10.29 15.35 -12.85
C ALA A 95 9.76 16.38 -13.84
N SER A 96 10.66 17.15 -14.42
CA SER A 96 10.26 18.13 -15.44
C SER A 96 11.43 18.42 -16.39
N THR A 97 11.06 19.07 -17.48
CA THR A 97 11.95 19.63 -18.51
C THR A 97 11.43 21.04 -18.81
N GLY A 98 12.26 21.86 -19.42
CA GLY A 98 11.86 23.24 -19.72
C GLY A 98 12.30 23.58 -21.13
N LEU A 99 13.15 24.58 -21.26
CA LEU A 99 13.83 24.87 -22.53
C LEU A 99 14.81 23.72 -22.79
N TYR A 100 15.53 23.25 -21.79
CA TYR A 100 16.45 22.11 -21.92
C TYR A 100 15.72 20.85 -21.39
N LYS A 101 16.23 19.67 -21.75
CA LYS A 101 15.50 18.40 -21.50
C LYS A 101 16.43 17.21 -21.24
N GLU A 102 15.81 16.12 -20.79
CA GLU A 102 16.47 14.86 -20.40
C GLU A 102 15.36 13.82 -20.30
N THR A 103 15.70 12.55 -20.51
CA THR A 103 14.84 11.42 -20.09
C THR A 103 14.84 11.45 -18.56
N ASN A 104 13.67 11.20 -18.00
CA ASN A 104 13.49 11.12 -16.54
C ASN A 104 12.91 9.73 -16.26
N THR A 105 13.72 8.72 -16.50
CA THR A 105 13.31 7.30 -16.52
C THR A 105 13.60 6.71 -15.13
N ILE A 106 12.58 6.14 -14.52
CA ILE A 106 12.68 5.38 -13.25
C ILE A 106 12.63 3.88 -13.55
N LEU A 107 13.65 3.17 -13.13
CA LEU A 107 13.78 1.71 -13.37
C LEU A 107 13.24 0.95 -12.16
N SER A 108 13.32 1.53 -10.95
CA SER A 108 12.82 0.88 -9.72
C SER A 108 12.60 1.94 -8.62
N TRP A 109 11.68 1.62 -7.73
CA TRP A 109 11.29 2.49 -6.64
C TRP A 109 10.84 1.61 -5.49
N SER A 110 11.41 1.79 -4.32
CA SER A 110 10.88 1.14 -3.09
C SER A 110 10.74 2.18 -1.98
N PHE A 111 9.83 1.91 -1.06
CA PHE A 111 9.49 2.79 0.06
C PHE A 111 9.08 1.92 1.26
N THR A 112 9.52 2.33 2.44
CA THR A 112 9.14 1.71 3.72
C THR A 112 8.85 2.85 4.68
N SER A 113 7.69 2.78 5.32
CA SER A 113 7.32 3.64 6.46
C SER A 113 6.91 2.78 7.66
N LYS A 114 7.26 3.24 8.85
CA LYS A 114 6.97 2.50 10.09
C LYS A 114 6.64 3.52 11.17
N LEU A 115 5.62 3.23 11.96
CA LEU A 115 5.25 3.97 13.19
C LEU A 115 5.29 2.96 14.34
N LYS A 116 6.21 3.10 15.29
CA LYS A 116 6.36 2.16 16.44
C LYS A 116 5.73 2.88 17.63
N SER A 117 4.62 2.34 18.18
CA SER A 117 3.84 2.92 19.31
C SER A 117 4.51 2.53 20.63
N ASN A 118 4.01 3.06 21.76
CA ASN A 118 4.27 2.48 23.11
C ASN A 118 2.94 1.95 23.69
N SER A 119 1.80 2.48 23.21
CA SER A 119 0.42 2.08 23.60
C SER A 119 0.29 0.55 23.60
N THR A 120 0.47 -0.07 22.42
CA THR A 120 0.49 -1.53 22.20
C THR A 120 1.93 -2.06 22.46
N HIS A 121 2.96 -1.19 22.40
CA HIS A 121 4.39 -1.53 22.19
C HIS A 121 4.50 -2.33 20.88
N GLU A 122 3.74 -1.91 19.83
CA GLU A 122 3.53 -2.63 18.53
C GLU A 122 3.36 -1.64 17.35
N THR A 123 3.64 -2.10 16.12
CA THR A 123 4.09 -1.24 14.99
C THR A 123 3.13 -1.35 13.79
N ASN A 124 2.85 -0.22 13.16
CA ASN A 124 2.19 -0.10 11.85
C ASN A 124 3.25 0.15 10.77
N ALA A 125 3.09 -0.47 9.59
CA ALA A 125 4.12 -0.40 8.54
C ALA A 125 3.48 -0.51 7.15
N LEU A 126 4.13 0.12 6.19
CA LEU A 126 3.82 0.00 4.76
C LEU A 126 5.16 -0.19 4.05
N HIS A 127 5.24 -1.17 3.16
CA HIS A 127 6.40 -1.32 2.25
C HIS A 127 5.87 -1.61 0.83
N PHE A 128 6.35 -0.91 -0.18
CA PHE A 128 6.13 -1.31 -1.57
C PHE A 128 7.46 -1.34 -2.29
N MET A 129 7.55 -2.17 -3.32
CA MET A 129 8.76 -2.28 -4.13
C MET A 129 8.30 -2.51 -5.56
N PHE A 130 8.69 -1.64 -6.45
CA PHE A 130 8.49 -1.80 -7.90
C PHE A 130 9.87 -2.01 -8.55
N ASN A 131 10.11 -3.19 -9.11
CA ASN A 131 11.31 -3.44 -9.94
C ASN A 131 10.91 -3.48 -11.40
N GLN A 132 9.63 -3.55 -11.68
CA GLN A 132 9.07 -3.57 -13.05
C GLN A 132 7.78 -2.73 -13.01
N PHE A 133 7.58 -1.81 -13.93
CA PHE A 133 6.31 -1.02 -14.03
C PHE A 133 5.53 -1.59 -15.21
N SER A 134 4.24 -1.83 -15.03
CA SER A 134 3.38 -2.41 -16.11
C SER A 134 2.52 -1.31 -16.73
N LYS A 135 2.03 -1.57 -17.94
CA LYS A 135 1.22 -0.67 -18.77
C LYS A 135 0.01 -0.16 -17.98
N ASP A 136 -0.58 -0.97 -17.10
CA ASP A 136 -1.74 -0.46 -16.33
C ASP A 136 -1.46 -0.66 -14.83
N GLN A 137 -0.65 0.21 -14.24
CA GLN A 137 -0.15 0.02 -12.86
C GLN A 137 -1.17 0.68 -11.93
N LYS A 138 -2.21 -0.07 -11.50
CA LYS A 138 -3.34 0.49 -10.73
C LYS A 138 -2.96 0.91 -9.30
N ASP A 139 -1.74 0.62 -8.82
CA ASP A 139 -1.34 1.06 -7.44
C ASP A 139 -0.49 2.34 -7.53
N LEU A 140 -0.47 2.95 -8.71
CA LEU A 140 0.14 4.28 -8.97
C LEU A 140 -0.91 5.24 -9.48
N ILE A 141 -0.87 6.47 -9.01
CA ILE A 141 -1.57 7.61 -9.65
C ILE A 141 -0.53 8.30 -10.52
N LEU A 142 -0.75 8.34 -11.83
CA LEU A 142 0.08 9.09 -12.82
C LEU A 142 -0.56 10.45 -13.08
N GLN A 143 0.23 11.51 -13.01
CA GLN A 143 -0.21 12.90 -13.23
C GLN A 143 0.61 13.48 -14.40
N GLY A 144 -0.02 14.33 -15.19
CA GLY A 144 0.70 15.08 -16.25
C GLY A 144 1.20 14.14 -17.31
N ASP A 145 2.48 14.16 -17.64
CA ASP A 145 3.01 13.42 -18.80
C ASP A 145 3.51 12.03 -18.41
N ALA A 146 3.37 11.61 -17.15
CA ALA A 146 3.99 10.33 -16.70
C ALA A 146 3.28 9.15 -17.36
N THR A 147 4.04 8.13 -17.78
CA THR A 147 3.54 6.86 -18.35
C THR A 147 4.38 5.71 -17.81
N THR A 148 3.80 4.50 -17.81
CA THR A 148 4.41 3.21 -17.40
C THR A 148 4.31 2.20 -18.56
N GLY A 149 5.19 1.21 -18.60
CA GLY A 149 5.07 0.07 -19.53
C GLY A 149 6.24 -0.05 -20.48
N THR A 150 6.73 1.08 -21.01
CA THR A 150 7.83 1.10 -22.01
C THR A 150 9.07 0.47 -21.39
N ASP A 151 9.42 -0.76 -21.81
CA ASP A 151 10.55 -1.55 -21.28
C ASP A 151 10.38 -1.85 -19.78
N GLY A 152 9.18 -1.80 -19.22
CA GLY A 152 8.97 -2.03 -17.77
C GLY A 152 9.41 -0.86 -16.90
N ASN A 153 9.58 0.32 -17.52
CA ASN A 153 10.04 1.55 -16.83
C ASN A 153 8.91 2.54 -16.60
N LEU A 154 9.10 3.43 -15.65
CA LEU A 154 8.22 4.62 -15.45
C LEU A 154 8.93 5.80 -16.11
N GLU A 155 8.29 6.46 -17.06
CA GLU A 155 8.84 7.65 -17.76
C GLU A 155 8.08 8.87 -17.22
N LEU A 156 8.66 9.63 -16.30
CA LEU A 156 7.93 10.75 -15.66
C LEU A 156 7.66 11.87 -16.69
N THR A 157 8.57 12.14 -17.60
CA THR A 157 8.36 13.18 -18.65
C THR A 157 8.28 12.56 -20.05
N ARG A 158 7.78 13.32 -21.01
CA ARG A 158 7.42 12.87 -22.37
C ARG A 158 8.71 12.49 -23.12
N VAL A 159 8.73 11.27 -23.66
CA VAL A 159 9.81 10.79 -24.55
C VAL A 159 9.14 10.33 -25.86
N SER A 160 9.75 10.63 -27.01
CA SER A 160 9.24 10.17 -28.34
C SER A 160 9.52 8.66 -28.49
N SER A 161 8.96 8.02 -29.51
CA SER A 161 9.09 6.55 -29.73
C SER A 161 10.56 6.10 -29.81
N ASN A 162 11.50 6.94 -30.26
CA ASN A 162 12.93 6.53 -30.40
C ASN A 162 13.76 6.89 -29.16
N GLY A 163 13.17 7.52 -28.14
CA GLY A 163 13.89 7.91 -26.91
C GLY A 163 14.36 9.37 -26.89
N SER A 164 13.78 10.28 -27.68
CA SER A 164 14.10 11.73 -27.62
C SER A 164 13.22 12.43 -26.58
N PRO A 165 13.82 13.04 -25.54
CA PRO A 165 13.02 13.72 -24.51
C PRO A 165 12.41 15.04 -25.03
N GLN A 166 11.18 15.34 -24.64
CA GLN A 166 10.51 16.60 -25.01
C GLN A 166 10.78 17.67 -23.93
N GLY A 167 10.84 18.93 -24.33
CA GLY A 167 10.90 20.08 -23.44
C GLY A 167 9.52 20.44 -22.93
N SER A 168 9.46 21.34 -21.94
CA SER A 168 8.21 21.88 -21.35
C SER A 168 7.31 20.72 -20.91
N SER A 169 7.87 19.67 -20.30
CA SER A 169 7.11 18.49 -19.86
C SER A 169 7.18 18.38 -18.32
N VAL A 170 6.15 17.81 -17.72
CA VAL A 170 6.11 17.59 -16.26
C VAL A 170 5.26 16.35 -15.99
N GLY A 171 5.67 15.51 -15.04
CA GLY A 171 4.91 14.30 -14.74
C GLY A 171 5.25 13.78 -13.36
N ARG A 172 4.33 13.04 -12.75
CA ARG A 172 4.53 12.54 -11.38
C ARG A 172 3.82 11.19 -11.26
N ALA A 173 4.31 10.36 -10.34
CA ALA A 173 3.73 9.05 -9.99
C ALA A 173 3.62 9.04 -8.46
N LEU A 174 2.42 8.84 -7.92
CA LEU A 174 2.19 8.75 -6.45
C LEU A 174 1.71 7.35 -6.10
N PHE A 175 2.19 6.79 -4.99
CA PHE A 175 1.64 5.53 -4.48
C PHE A 175 0.15 5.78 -4.13
N TYR A 176 -0.68 4.84 -4.49
CA TYR A 176 -2.16 4.96 -4.41
C TYR A 176 -2.55 5.14 -2.95
N ALA A 177 -1.96 4.38 -2.03
CA ALA A 177 -2.41 4.39 -0.63
C ALA A 177 -1.80 5.61 0.06
N PRO A 178 -2.63 6.36 0.81
CA PRO A 178 -2.09 7.26 1.81
C PRO A 178 -1.21 6.55 2.83
N VAL A 179 -0.25 7.33 3.32
CA VAL A 179 0.79 6.90 4.26
C VAL A 179 0.60 7.71 5.55
N HIS A 180 0.72 7.03 6.66
CA HIS A 180 0.61 7.63 8.00
C HIS A 180 2.02 7.98 8.43
N ILE A 181 2.43 9.23 8.24
CA ILE A 181 3.89 9.56 8.18
C ILE A 181 4.35 9.92 9.59
N TRP A 182 3.47 10.44 10.42
CA TRP A 182 3.77 10.75 11.82
C TRP A 182 2.48 10.61 12.62
N GLU A 183 2.64 10.47 13.93
CA GLU A 183 1.56 10.35 14.93
C GLU A 183 2.26 10.64 16.26
N SER A 184 1.69 11.48 17.11
CA SER A 184 2.40 11.95 18.33
C SER A 184 2.41 10.86 19.43
N SER A 185 1.60 9.80 19.31
CA SER A 185 1.58 8.61 20.20
C SER A 185 2.70 7.61 19.83
N ALA A 186 3.34 7.74 18.67
CA ALA A 186 4.45 6.85 18.25
C ALA A 186 5.72 7.30 19.00
N VAL A 187 6.60 6.37 19.37
CA VAL A 187 7.93 6.69 19.96
C VAL A 187 8.98 6.71 18.85
N VAL A 188 8.78 6.05 17.72
CA VAL A 188 9.65 6.26 16.52
C VAL A 188 8.79 6.13 15.26
N ALA A 189 8.92 7.13 14.40
CA ALA A 189 8.35 7.22 13.05
C ALA A 189 9.57 7.23 12.13
N SER A 190 9.55 6.45 11.07
CA SER A 190 10.70 6.48 10.15
C SER A 190 10.23 6.10 8.74
N PHE A 191 10.99 6.54 7.74
CA PHE A 191 10.75 6.15 6.35
C PHE A 191 12.08 6.06 5.64
N GLU A 192 12.07 5.26 4.59
CA GLU A 192 13.17 5.23 3.63
C GLU A 192 12.57 5.05 2.24
N ALA A 193 13.20 5.66 1.26
CA ALA A 193 12.85 5.51 -0.16
C ALA A 193 14.12 5.25 -0.94
N THR A 194 14.05 4.41 -1.94
CA THR A 194 15.16 4.13 -2.87
C THR A 194 14.58 4.13 -4.27
N PHE A 195 15.29 4.73 -5.20
CA PHE A 195 14.92 4.64 -6.63
C PHE A 195 16.18 4.59 -7.48
N THR A 196 16.08 3.91 -8.61
CA THR A 196 17.13 3.94 -9.67
C THR A 196 16.56 4.67 -10.88
N PHE A 197 17.41 5.44 -11.55
CA PHE A 197 17.00 6.45 -12.56
C PHE A 197 18.06 6.47 -13.65
N LEU A 198 17.61 6.78 -14.86
CA LEU A 198 18.45 6.94 -16.05
C LEU A 198 18.07 8.31 -16.63
N ILE A 199 18.97 9.27 -16.48
CA ILE A 199 18.83 10.65 -16.99
C ILE A 199 19.79 10.81 -18.16
N LYS A 200 19.24 11.00 -19.35
CA LYS A 200 20.01 11.04 -20.60
C LYS A 200 19.57 12.30 -21.39
N SER A 201 20.54 13.10 -21.79
CA SER A 201 20.34 14.28 -22.69
C SER A 201 21.21 14.08 -23.92
N PRO A 202 20.60 14.00 -25.11
CA PRO A 202 21.36 13.91 -26.36
C PRO A 202 22.17 15.19 -26.65
N ASP A 203 21.58 16.35 -26.37
CA ASP A 203 22.22 17.69 -26.54
C ASP A 203 23.39 17.84 -25.57
N SER A 204 23.66 16.82 -24.73
CA SER A 204 24.58 16.90 -23.56
C SER A 204 24.29 18.17 -22.77
N HIS A 205 23.02 18.60 -22.63
CA HIS A 205 22.69 19.77 -21.78
C HIS A 205 21.46 19.54 -20.90
N PRO A 206 21.55 18.73 -19.84
CA PRO A 206 20.34 18.19 -19.24
C PRO A 206 19.54 19.22 -18.44
N ALA A 207 18.22 19.10 -18.45
CA ALA A 207 17.30 19.75 -17.49
C ALA A 207 16.01 18.93 -17.41
N ASP A 208 15.25 19.05 -16.30
CA ASP A 208 15.51 19.89 -15.15
C ASP A 208 15.80 19.09 -13.87
N GLY A 209 15.34 17.85 -13.76
CA GLY A 209 15.70 16.95 -12.67
C GLY A 209 14.55 16.05 -12.25
N ILE A 210 14.78 15.31 -11.16
CA ILE A 210 13.86 14.30 -10.59
C ILE A 210 13.78 14.58 -9.10
N ALA A 211 12.60 14.47 -8.50
CA ALA A 211 12.47 14.60 -7.02
C ALA A 211 11.63 13.45 -6.48
N PHE A 212 12.00 12.98 -5.29
CA PHE A 212 11.14 12.19 -4.42
C PHE A 212 10.43 13.19 -3.54
N PHE A 213 9.14 13.03 -3.34
CA PHE A 213 8.39 14.05 -2.57
C PHE A 213 7.34 13.37 -1.71
N ILE A 214 6.96 14.13 -0.71
CA ILE A 214 5.88 13.81 0.23
C ILE A 214 4.97 15.02 0.22
N SER A 215 3.68 14.78 0.08
CA SER A 215 2.65 15.82 -0.07
C SER A 215 1.39 15.47 0.69
N ASN A 216 0.50 16.47 0.81
CA ASN A 216 -0.93 16.27 1.12
C ASN A 216 -1.50 15.23 0.15
N ILE A 217 -2.47 14.43 0.63
CA ILE A 217 -2.98 13.23 -0.09
C ILE A 217 -3.54 13.67 -1.45
N ASP A 218 -4.17 14.83 -1.51
CA ASP A 218 -4.86 15.29 -2.77
C ASP A 218 -3.94 16.17 -3.63
N SER A 219 -2.62 16.13 -3.44
CA SER A 219 -1.64 16.93 -4.22
C SER A 219 -1.83 16.68 -5.72
N SER A 220 -1.75 17.74 -6.51
CA SER A 220 -1.67 17.65 -7.98
C SER A 220 -0.60 18.61 -8.48
N ILE A 221 -0.25 18.46 -9.76
CA ILE A 221 0.84 19.24 -10.40
C ILE A 221 0.40 20.71 -10.37
N PRO A 222 1.15 21.64 -9.74
CA PRO A 222 0.76 23.04 -9.80
C PRO A 222 0.83 23.55 -11.25
N SER A 223 -0.09 24.43 -11.62
CA SER A 223 -0.13 25.07 -12.94
C SER A 223 1.21 25.79 -13.20
N GLY A 224 1.81 25.57 -14.36
CA GLY A 224 3.04 26.27 -14.79
C GLY A 224 4.32 25.73 -14.14
N SER A 225 4.33 24.54 -13.54
CA SER A 225 5.48 24.02 -12.74
C SER A 225 6.39 23.13 -13.61
N THR A 226 6.40 23.30 -14.93
CA THR A 226 7.46 22.69 -15.77
C THR A 226 8.80 23.39 -15.49
N GLY A 227 9.88 22.94 -16.10
CA GLY A 227 11.19 23.63 -15.95
C GLY A 227 11.71 23.60 -14.50
N ARG A 228 12.21 24.73 -14.00
CA ARG A 228 12.94 24.79 -12.72
C ARG A 228 12.08 24.42 -11.51
N LEU A 229 10.76 24.34 -11.64
CA LEU A 229 9.85 24.10 -10.46
C LEU A 229 9.59 22.60 -10.22
N LEU A 230 10.10 21.73 -11.10
CA LEU A 230 10.18 20.26 -10.96
C LEU A 230 8.82 19.62 -10.71
N GLY A 231 7.71 20.22 -11.17
CA GLY A 231 6.34 19.75 -10.92
C GLY A 231 5.94 19.77 -9.46
N LEU A 232 6.64 20.54 -8.62
CA LEU A 232 6.41 20.50 -7.16
C LEU A 232 5.78 21.81 -6.66
N PHE A 233 6.15 22.96 -7.24
CA PHE A 233 5.85 24.31 -6.66
C PHE A 233 5.16 25.20 -7.71
N PRO A 234 4.22 26.07 -7.27
CA PRO A 234 3.51 26.98 -8.18
C PRO A 234 4.38 28.17 -8.55
N ASP A 235 5.44 28.44 -7.76
CA ASP A 235 6.37 29.60 -7.93
C ASP A 235 7.71 29.28 -7.27
N ALA A 236 8.68 30.20 -7.45
CA ALA A 236 10.07 30.04 -6.98
C ALA A 236 10.27 30.73 -5.62
N ASN A 237 9.19 31.03 -4.89
CA ASN A 237 9.33 31.67 -3.55
C ASN A 237 10.03 30.72 -2.57
N ALA B 1 -22.26 -9.42 -10.54
CA ALA B 1 -21.85 -9.38 -9.12
C ALA B 1 -20.32 -9.32 -9.03
N ASP B 2 -19.83 -9.15 -7.82
CA ASP B 2 -18.38 -9.18 -7.54
C ASP B 2 -17.90 -10.60 -7.82
N THR B 3 -16.59 -10.75 -7.98
CA THR B 3 -15.87 -12.03 -7.88
C THR B 3 -15.21 -12.07 -6.51
N ILE B 4 -15.42 -13.12 -5.74
CA ILE B 4 -14.88 -13.27 -4.36
C ILE B 4 -14.14 -14.60 -4.25
N VAL B 5 -12.95 -14.54 -3.64
CA VAL B 5 -12.27 -15.70 -3.02
C VAL B 5 -12.15 -15.38 -1.55
N ALA B 6 -12.48 -16.31 -0.65
CA ALA B 6 -12.46 -15.97 0.77
C ALA B 6 -12.09 -17.18 1.59
N VAL B 7 -11.51 -16.92 2.73
CA VAL B 7 -11.34 -17.89 3.84
C VAL B 7 -12.32 -17.47 4.93
N GLU B 8 -13.32 -18.33 5.22
CA GLU B 8 -14.37 -18.03 6.23
C GLU B 8 -14.01 -18.68 7.56
N LEU B 9 -14.17 -17.92 8.66
CA LEU B 9 -14.28 -18.46 10.02
C LEU B 9 -15.78 -18.40 10.36
N ASP B 10 -16.49 -19.50 10.14
CA ASP B 10 -17.97 -19.55 10.13
C ASP B 10 -18.41 -20.11 11.48
N THR B 11 -18.99 -19.26 12.32
CA THR B 11 -19.29 -19.56 13.74
C THR B 11 -20.69 -20.18 13.83
N TYR B 12 -21.53 -20.06 12.79
CA TYR B 12 -22.94 -20.53 12.80
C TYR B 12 -23.25 -21.49 11.64
N PRO B 13 -23.58 -22.77 11.96
CA PRO B 13 -23.97 -23.75 10.96
C PRO B 13 -25.33 -23.45 10.35
N ASN B 14 -25.32 -23.13 9.07
CA ASN B 14 -26.51 -22.98 8.20
C ASN B 14 -26.59 -24.28 7.39
N THR B 15 -27.15 -25.35 7.94
CA THR B 15 -27.15 -26.68 7.26
C THR B 15 -27.99 -26.62 5.97
N ASP B 16 -28.91 -25.69 5.82
CA ASP B 16 -29.69 -25.52 4.56
C ASP B 16 -28.80 -25.03 3.40
N ILE B 17 -27.57 -24.55 3.64
CA ILE B 17 -26.72 -24.08 2.49
C ILE B 17 -25.35 -24.76 2.52
N GLY B 18 -25.29 -25.94 3.10
CA GLY B 18 -24.10 -26.81 2.94
C GLY B 18 -23.15 -26.72 4.11
N ASP B 19 -23.33 -25.80 5.06
CA ASP B 19 -22.46 -25.79 6.26
C ASP B 19 -22.50 -27.19 6.89
N PRO B 20 -21.38 -27.71 7.46
CA PRO B 20 -21.45 -28.82 8.41
C PRO B 20 -22.10 -28.35 9.71
N SER B 21 -22.38 -29.27 10.62
CA SER B 21 -23.19 -29.00 11.83
C SER B 21 -22.28 -28.59 12.98
N TYR B 22 -21.26 -27.78 12.72
CA TYR B 22 -20.30 -27.32 13.75
C TYR B 22 -19.60 -26.07 13.20
N PRO B 23 -19.09 -25.18 14.07
CA PRO B 23 -18.21 -24.08 13.63
C PRO B 23 -17.06 -24.68 12.79
N HIS B 24 -16.74 -24.02 11.69
CA HIS B 24 -15.84 -24.55 10.66
C HIS B 24 -15.05 -23.39 10.07
N ILE B 25 -13.85 -23.67 9.58
CA ILE B 25 -13.10 -22.78 8.66
C ILE B 25 -13.34 -23.34 7.27
N GLY B 26 -13.44 -22.48 6.28
CA GLY B 26 -13.68 -22.93 4.92
C GLY B 26 -13.00 -22.06 3.89
N ILE B 27 -12.80 -22.65 2.74
CA ILE B 27 -12.32 -21.95 1.53
C ILE B 27 -13.49 -21.82 0.57
N ASP B 28 -13.76 -20.57 0.20
CA ASP B 28 -14.91 -20.14 -0.63
C ASP B 28 -14.37 -19.58 -1.93
N ILE B 29 -14.69 -20.25 -3.03
CA ILE B 29 -14.36 -19.79 -4.41
C ILE B 29 -15.66 -19.46 -5.12
N LYS B 30 -16.03 -18.18 -5.13
CA LYS B 30 -17.16 -17.60 -5.89
C LYS B 30 -18.50 -18.10 -5.35
N SER B 31 -18.54 -18.69 -4.16
CA SER B 31 -19.82 -19.14 -3.55
C SER B 31 -19.63 -19.25 -2.04
N VAL B 32 -20.68 -18.97 -1.27
CA VAL B 32 -20.68 -19.18 0.21
C VAL B 32 -20.61 -20.68 0.51
N ARG B 33 -20.92 -21.54 -0.47
CA ARG B 33 -20.85 -23.01 -0.25
C ARG B 33 -19.38 -23.43 -0.42
N SER B 34 -18.69 -23.60 0.71
CA SER B 34 -17.22 -23.82 0.81
C SER B 34 -16.84 -25.02 -0.07
N LYS B 35 -15.82 -24.88 -0.92
CA LYS B 35 -15.17 -26.01 -1.64
C LYS B 35 -14.53 -26.96 -0.64
N LYS B 36 -14.15 -26.49 0.54
CA LYS B 36 -13.53 -27.39 1.52
C LYS B 36 -13.75 -26.79 2.89
N THR B 37 -13.93 -27.59 3.92
CA THR B 37 -14.10 -27.08 5.30
C THR B 37 -13.31 -27.95 6.25
N ALA B 38 -13.10 -27.47 7.47
CA ALA B 38 -12.52 -28.21 8.59
C ALA B 38 -13.22 -27.75 9.85
N LYS B 39 -13.38 -28.69 10.77
CA LYS B 39 -13.98 -28.43 12.07
C LYS B 39 -13.12 -27.42 12.80
N TRP B 40 -13.73 -26.46 13.48
CA TRP B 40 -13.03 -25.41 14.24
C TRP B 40 -13.55 -25.42 15.66
N ASN B 41 -12.70 -25.65 16.66
CA ASN B 41 -13.10 -25.65 18.09
C ASN B 41 -13.02 -24.22 18.57
N MET B 42 -14.01 -23.43 18.22
CA MET B 42 -14.01 -21.97 18.43
C MET B 42 -14.08 -21.73 19.95
N GLN B 43 -13.30 -20.80 20.47
CA GLN B 43 -13.23 -20.45 21.92
C GLN B 43 -13.79 -19.03 22.14
N ASN B 44 -15.01 -18.98 22.69
CA ASN B 44 -15.77 -17.74 22.97
C ASN B 44 -14.93 -16.80 23.84
N GLY B 45 -14.70 -15.56 23.38
CA GLY B 45 -14.03 -14.53 24.19
C GLY B 45 -12.50 -14.63 24.28
N LYS B 46 -11.83 -15.60 23.64
CA LYS B 46 -10.33 -15.66 23.62
C LYS B 46 -9.82 -15.14 22.28
N VAL B 47 -8.60 -14.57 22.27
CA VAL B 47 -7.96 -14.02 21.06
C VAL B 47 -7.44 -15.17 20.20
N GLY B 48 -7.91 -15.26 18.95
CA GLY B 48 -7.43 -16.21 17.94
C GLY B 48 -6.53 -15.57 16.88
N THR B 49 -5.81 -16.41 16.14
CA THR B 49 -4.95 -16.02 15.00
C THR B 49 -5.34 -16.83 13.77
N ALA B 50 -5.57 -16.17 12.65
CA ALA B 50 -5.77 -16.78 11.32
C ALA B 50 -4.54 -16.50 10.45
N HIS B 51 -3.95 -17.52 9.81
CA HIS B 51 -2.86 -17.40 8.81
C HIS B 51 -3.36 -17.96 7.49
N ILE B 52 -3.28 -17.18 6.43
CA ILE B 52 -3.72 -17.60 5.07
C ILE B 52 -2.48 -17.55 4.17
N ILE B 53 -2.24 -18.57 3.36
CA ILE B 53 -1.08 -18.63 2.44
C ILE B 53 -1.51 -19.18 1.10
N TYR B 54 -0.98 -18.60 0.03
CA TYR B 54 -1.11 -19.09 -1.36
C TYR B 54 0.24 -18.90 -2.06
N ASN B 55 0.69 -19.88 -2.85
CA ASN B 55 1.79 -19.61 -3.82
C ASN B 55 1.39 -20.23 -5.15
N SER B 56 1.78 -19.58 -6.24
CA SER B 56 1.50 -19.99 -7.64
C SER B 56 2.32 -21.23 -8.03
N VAL B 57 3.27 -21.71 -7.23
CA VAL B 57 3.97 -22.97 -7.58
C VAL B 57 3.06 -24.16 -7.23
N ASP B 58 2.57 -24.24 -6.01
CA ASP B 58 1.66 -25.32 -5.55
C ASP B 58 0.20 -25.06 -5.96
N LYS B 59 -0.17 -23.80 -6.22
CA LYS B 59 -1.56 -23.44 -6.59
C LYS B 59 -2.52 -24.03 -5.56
N ARG B 60 -2.20 -23.78 -4.29
CA ARG B 60 -2.91 -24.29 -3.13
C ARG B 60 -3.18 -23.14 -2.16
N LEU B 61 -4.44 -22.90 -1.83
CA LEU B 61 -4.82 -21.89 -0.82
C LEU B 61 -5.05 -22.64 0.48
N SER B 62 -4.32 -22.27 1.53
CA SER B 62 -4.38 -22.91 2.86
C SER B 62 -4.64 -21.85 3.91
N ALA B 63 -5.23 -22.27 5.03
CA ALA B 63 -5.48 -21.42 6.21
C ALA B 63 -5.37 -22.28 7.44
N VAL B 64 -4.85 -21.67 8.48
CA VAL B 64 -4.67 -22.24 9.84
C VAL B 64 -5.26 -21.26 10.82
N VAL B 65 -6.13 -21.73 11.70
CA VAL B 65 -6.66 -20.90 12.81
C VAL B 65 -6.29 -21.54 14.13
N SER B 66 -5.78 -20.75 15.06
CA SER B 66 -5.22 -21.26 16.33
C SER B 66 -5.59 -20.33 17.48
N TYR B 67 -5.53 -20.88 18.67
CA TYR B 67 -5.56 -20.15 19.96
C TYR B 67 -4.37 -20.64 20.77
N PRO B 68 -3.86 -19.86 21.74
CA PRO B 68 -2.79 -20.30 22.63
C PRO B 68 -3.18 -21.59 23.36
N ASN B 69 -2.35 -22.64 23.31
CA ASN B 69 -2.45 -23.87 24.15
C ASN B 69 -3.62 -24.73 23.69
N ALA B 70 -3.93 -24.75 22.39
CA ALA B 70 -5.03 -25.53 21.80
C ALA B 70 -4.56 -26.00 20.44
N ASP B 71 -5.17 -27.03 19.87
CA ASP B 71 -4.78 -27.56 18.54
C ASP B 71 -5.32 -26.63 17.47
N SER B 72 -4.59 -26.51 16.39
CA SER B 72 -4.98 -25.71 15.21
C SER B 72 -6.08 -26.43 14.41
N ALA B 73 -6.85 -25.68 13.65
CA ALA B 73 -7.66 -26.18 12.54
C ALA B 73 -7.01 -25.71 11.25
N THR B 74 -6.92 -26.57 10.24
CA THR B 74 -6.31 -26.17 8.96
C THR B 74 -7.16 -26.70 7.82
N VAL B 75 -7.17 -25.99 6.72
CA VAL B 75 -7.95 -26.35 5.52
C VAL B 75 -7.16 -25.86 4.32
N SER B 76 -7.20 -26.63 3.23
CA SER B 76 -6.45 -26.37 1.98
C SER B 76 -7.31 -26.77 0.82
N TYR B 77 -7.16 -26.09 -0.29
CA TYR B 77 -7.86 -26.41 -1.55
C TYR B 77 -6.95 -26.05 -2.71
N ASP B 78 -6.80 -26.98 -3.66
CA ASP B 78 -6.05 -26.78 -4.92
C ASP B 78 -6.92 -25.91 -5.80
N VAL B 79 -6.39 -24.75 -6.15
CA VAL B 79 -7.09 -23.79 -7.03
C VAL B 79 -6.02 -22.93 -7.67
N ASP B 80 -6.17 -22.66 -8.95
CA ASP B 80 -5.31 -21.74 -9.72
C ASP B 80 -6.02 -20.38 -9.72
N LEU B 81 -5.61 -19.46 -8.85
CA LEU B 81 -6.32 -18.16 -8.72
C LEU B 81 -6.19 -17.31 -9.99
N ASP B 82 -5.26 -17.62 -10.91
CA ASP B 82 -5.20 -17.02 -12.28
C ASP B 82 -6.53 -17.20 -13.04
N ASN B 83 -7.23 -18.31 -12.85
CA ASN B 83 -8.48 -18.63 -13.61
C ASN B 83 -9.68 -18.08 -12.86
N VAL B 84 -9.51 -17.55 -11.67
CA VAL B 84 -10.64 -17.19 -10.79
C VAL B 84 -10.67 -15.68 -10.63
N LEU B 85 -9.56 -15.04 -10.26
CA LEU B 85 -9.55 -13.60 -9.93
C LEU B 85 -9.08 -12.79 -11.12
N PRO B 86 -9.50 -11.51 -11.21
CA PRO B 86 -8.86 -10.56 -12.11
C PRO B 86 -7.41 -10.32 -11.64
N GLU B 87 -6.62 -9.69 -12.48
CA GLU B 87 -5.17 -9.50 -12.27
C GLU B 87 -4.94 -8.53 -11.11
N TRP B 88 -5.81 -7.52 -11.02
CA TRP B 88 -5.82 -6.52 -9.93
C TRP B 88 -7.02 -6.73 -9.03
N VAL B 89 -6.80 -6.66 -7.71
CA VAL B 89 -7.84 -6.97 -6.69
C VAL B 89 -7.74 -5.96 -5.54
N ARG B 90 -8.72 -5.93 -4.66
CA ARG B 90 -8.49 -5.40 -3.30
C ARG B 90 -8.54 -6.56 -2.32
N VAL B 91 -7.86 -6.42 -1.19
CA VAL B 91 -7.93 -7.43 -0.11
C VAL B 91 -8.60 -6.81 1.11
N GLY B 92 -9.30 -7.62 1.87
CA GLY B 92 -10.15 -7.11 2.94
C GLY B 92 -10.55 -8.16 3.94
N LEU B 93 -11.23 -7.68 4.99
CA LEU B 93 -11.89 -8.48 6.03
C LEU B 93 -13.39 -8.13 6.00
N SER B 94 -14.23 -9.10 6.29
CA SER B 94 -15.71 -8.97 6.30
C SER B 94 -16.25 -9.71 7.50
N ALA B 95 -17.35 -9.24 8.07
CA ALA B 95 -18.02 -9.99 9.13
C ALA B 95 -19.50 -9.64 9.13
N SER B 96 -20.32 -10.45 9.80
CA SER B 96 -21.77 -10.24 9.83
C SER B 96 -22.35 -10.94 11.05
N THR B 97 -23.56 -10.52 11.40
CA THR B 97 -24.43 -11.08 12.46
C THR B 97 -25.83 -11.15 11.86
N GLY B 98 -26.72 -11.93 12.48
CA GLY B 98 -28.08 -12.15 11.96
C GLY B 98 -29.11 -12.10 13.08
N LEU B 99 -29.92 -13.16 13.23
CA LEU B 99 -30.69 -13.41 14.48
C LEU B 99 -29.71 -13.51 15.65
N TYR B 100 -28.62 -14.25 15.44
CA TYR B 100 -27.56 -14.39 16.47
C TYR B 100 -26.39 -13.46 16.14
N LYS B 101 -25.55 -13.22 17.13
CA LYS B 101 -24.56 -12.12 17.10
C LYS B 101 -23.33 -12.47 17.92
N GLU B 102 -22.26 -11.68 17.66
CA GLU B 102 -20.93 -11.78 18.29
C GLU B 102 -20.17 -10.47 18.01
N THR B 103 -19.20 -10.13 18.84
CA THR B 103 -18.13 -9.14 18.49
C THR B 103 -17.35 -9.71 17.32
N ASN B 104 -17.11 -8.92 16.28
CA ASN B 104 -16.19 -9.29 15.17
C ASN B 104 -15.01 -8.32 15.20
N THR B 105 -14.21 -8.40 16.25
CA THR B 105 -13.18 -7.42 16.60
C THR B 105 -11.85 -7.89 15.99
N ILE B 106 -11.20 -7.04 15.19
CA ILE B 106 -9.84 -7.32 14.63
C ILE B 106 -8.83 -6.49 15.43
N LEU B 107 -7.80 -7.15 15.97
CA LEU B 107 -6.73 -6.55 16.83
C LEU B 107 -5.50 -6.25 15.97
N SER B 108 -5.29 -7.00 14.91
CA SER B 108 -4.15 -6.78 14.00
C SER B 108 -4.42 -7.46 12.68
N TRP B 109 -3.79 -6.96 11.64
CA TRP B 109 -3.97 -7.50 10.27
C TRP B 109 -2.70 -7.18 9.51
N SER B 110 -2.07 -8.18 8.94
CA SER B 110 -0.94 -7.96 8.00
C SER B 110 -1.15 -8.77 6.73
N PHE B 111 -0.48 -8.33 5.68
CA PHE B 111 -0.64 -8.87 4.33
C PHE B 111 0.68 -8.66 3.59
N THR B 112 1.08 -9.63 2.79
CA THR B 112 2.27 -9.53 1.91
C THR B 112 1.90 -10.18 0.60
N SER B 113 2.11 -9.50 -0.51
CA SER B 113 2.00 -10.05 -1.86
C SER B 113 3.34 -9.86 -2.58
N LYS B 114 3.75 -10.80 -3.41
CA LYS B 114 5.02 -10.73 -4.19
C LYS B 114 4.77 -11.32 -5.57
N LEU B 115 5.26 -10.65 -6.60
CA LEU B 115 5.46 -11.17 -7.97
C LEU B 115 6.97 -11.21 -8.24
N LYS B 116 7.54 -12.41 -8.38
CA LYS B 116 8.98 -12.62 -8.74
C LYS B 116 9.01 -12.98 -10.22
N SER B 117 9.63 -12.14 -11.05
CA SER B 117 9.73 -12.41 -12.51
C SER B 117 11.11 -12.99 -12.83
N ASN B 118 11.35 -13.40 -14.07
CA ASN B 118 12.73 -13.79 -14.46
C ASN B 118 13.12 -13.08 -15.74
N SER B 119 12.17 -12.91 -16.68
CA SER B 119 12.46 -12.27 -18.00
C SER B 119 13.00 -10.86 -17.72
N THR B 120 12.33 -10.16 -16.82
CA THR B 120 12.83 -8.92 -16.20
C THR B 120 13.04 -9.40 -14.77
N HIS B 121 14.28 -9.75 -14.45
CA HIS B 121 14.64 -10.45 -13.19
C HIS B 121 14.71 -9.49 -12.00
N GLU B 122 13.52 -9.16 -11.45
CA GLU B 122 13.29 -8.34 -10.23
C GLU B 122 11.84 -8.48 -9.74
N THR B 123 11.67 -8.33 -8.44
CA THR B 123 10.41 -8.67 -7.73
C THR B 123 9.61 -7.38 -7.44
N ASN B 124 8.29 -7.44 -7.59
CA ASN B 124 7.29 -6.45 -7.11
C ASN B 124 6.64 -6.97 -5.83
N ALA B 125 6.45 -6.11 -4.83
CA ALA B 125 6.03 -6.51 -3.48
C ALA B 125 5.16 -5.41 -2.85
N LEU B 126 4.16 -5.84 -2.10
CA LEU B 126 3.38 -4.98 -1.20
C LEU B 126 3.32 -5.67 0.17
N HIS B 127 3.61 -4.91 1.20
CA HIS B 127 3.47 -5.38 2.59
C HIS B 127 2.78 -4.27 3.40
N PHE B 128 1.72 -4.60 4.11
CA PHE B 128 1.16 -3.73 5.16
C PHE B 128 1.00 -4.51 6.46
N MET B 129 1.05 -3.75 7.55
CA MET B 129 0.91 -4.31 8.92
C MET B 129 0.16 -3.27 9.76
N PHE B 130 -1.00 -3.65 10.27
CA PHE B 130 -1.76 -2.85 11.25
C PHE B 130 -1.72 -3.58 12.59
N ASN B 131 -1.07 -3.03 13.61
CA ASN B 131 -1.14 -3.55 15.00
C ASN B 131 -2.03 -2.62 15.80
N GLN B 132 -2.35 -1.46 15.24
CA GLN B 132 -3.18 -0.45 15.93
C GLN B 132 -4.00 0.24 14.84
N PHE B 133 -5.31 0.32 15.00
CA PHE B 133 -6.22 1.03 14.08
C PHE B 133 -6.61 2.35 14.75
N SER B 134 -6.54 3.45 14.02
CA SER B 134 -6.90 4.80 14.53
C SER B 134 -8.28 5.21 14.00
N LYS B 135 -8.88 6.20 14.68
CA LYS B 135 -10.19 6.83 14.39
C LYS B 135 -10.31 7.17 12.92
N ASP B 136 -9.28 7.75 12.29
CA ASP B 136 -9.45 8.11 10.87
C ASP B 136 -8.36 7.44 10.02
N GLN B 137 -8.51 6.14 9.79
CA GLN B 137 -7.52 5.26 9.12
C GLN B 137 -7.66 5.44 7.59
N LYS B 138 -6.93 6.35 6.98
CA LYS B 138 -7.14 6.70 5.56
C LYS B 138 -6.55 5.65 4.60
N ASP B 139 -5.80 4.64 5.06
CA ASP B 139 -5.37 3.54 4.15
C ASP B 139 -6.35 2.36 4.20
N LEU B 140 -7.52 2.54 4.84
CA LEU B 140 -8.62 1.55 4.82
C LEU B 140 -9.86 2.18 4.20
N ILE B 141 -10.58 1.36 3.43
CA ILE B 141 -11.97 1.62 3.00
C ILE B 141 -12.90 0.83 3.93
N LEU B 142 -13.62 1.52 4.81
CA LEU B 142 -14.67 0.95 5.70
C LEU B 142 -16.00 0.94 4.95
N GLN B 143 -16.69 -0.20 4.95
CA GLN B 143 -18.00 -0.38 4.30
C GLN B 143 -18.99 -0.85 5.38
N GLY B 144 -20.27 -0.49 5.21
CA GLY B 144 -21.36 -0.88 6.14
C GLY B 144 -21.08 -0.37 7.54
N ASP B 145 -21.13 -1.26 8.53
CA ASP B 145 -21.03 -0.96 9.97
C ASP B 145 -19.59 -0.94 10.51
N ALA B 146 -18.57 -1.16 9.69
CA ALA B 146 -17.18 -1.25 10.19
C ALA B 146 -16.74 0.12 10.72
N THR B 147 -16.07 0.16 11.88
CA THR B 147 -15.47 1.39 12.46
C THR B 147 -14.08 1.06 12.99
N THR B 148 -13.23 2.07 13.17
CA THR B 148 -11.86 1.94 13.74
C THR B 148 -11.68 2.89 14.92
N GLY B 149 -10.77 2.57 15.84
CA GLY B 149 -10.22 3.50 16.84
C GLY B 149 -10.71 3.23 18.26
N THR B 150 -11.71 2.34 18.41
CA THR B 150 -12.20 1.85 19.72
C THR B 150 -11.16 0.88 20.30
N ASP B 151 -10.50 1.28 21.40
CA ASP B 151 -9.29 0.65 21.97
C ASP B 151 -8.23 0.36 20.88
N GLY B 152 -8.14 1.13 19.79
CA GLY B 152 -7.18 0.84 18.70
C GLY B 152 -7.50 -0.41 17.89
N ASN B 153 -8.79 -0.79 17.87
CA ASN B 153 -9.28 -2.04 17.20
C ASN B 153 -10.13 -1.66 15.99
N LEU B 154 -10.24 -2.59 15.04
CA LEU B 154 -11.23 -2.56 13.95
C LEU B 154 -12.43 -3.41 14.38
N GLU B 155 -13.59 -2.81 14.56
CA GLU B 155 -14.90 -3.48 14.81
C GLU B 155 -15.63 -3.65 13.49
N LEU B 156 -15.65 -4.85 12.92
CA LEU B 156 -16.28 -5.06 11.59
C LEU B 156 -17.81 -4.92 11.71
N THR B 157 -18.42 -5.35 12.81
CA THR B 157 -19.88 -5.22 13.02
C THR B 157 -20.18 -4.33 14.24
N ARG B 158 -21.43 -3.87 14.32
CA ARG B 158 -21.86 -2.84 15.32
C ARG B 158 -21.77 -3.46 16.72
N VAL B 159 -21.09 -2.75 17.63
CA VAL B 159 -21.02 -3.01 19.09
C VAL B 159 -21.49 -1.73 19.84
N SER B 160 -22.47 -1.82 20.74
CA SER B 160 -22.93 -0.68 21.59
C SER B 160 -21.77 -0.22 22.51
N SER B 161 -21.93 0.91 23.21
CA SER B 161 -20.84 1.48 24.07
C SER B 161 -20.49 0.56 25.26
N ASN B 162 -21.39 -0.30 25.74
CA ASN B 162 -21.09 -1.21 26.87
C ASN B 162 -20.52 -2.54 26.36
N GLY B 163 -20.36 -2.71 25.04
CA GLY B 163 -19.67 -3.87 24.44
C GLY B 163 -20.60 -4.97 23.93
N SER B 164 -21.89 -4.69 23.76
CA SER B 164 -22.88 -5.68 23.26
C SER B 164 -22.94 -5.65 21.75
N PRO B 165 -22.76 -6.81 21.11
CA PRO B 165 -22.82 -6.88 19.65
C PRO B 165 -24.29 -6.75 19.22
N GLN B 166 -24.53 -6.11 18.08
CA GLN B 166 -25.86 -5.96 17.48
C GLN B 166 -26.10 -7.06 16.42
N GLY B 167 -27.36 -7.50 16.27
CA GLY B 167 -27.83 -8.43 15.23
C GLY B 167 -28.05 -7.73 13.91
N SER B 168 -28.15 -8.47 12.83
CA SER B 168 -28.40 -7.98 11.47
C SER B 168 -27.36 -6.93 11.14
N SER B 169 -26.10 -7.13 11.52
CA SER B 169 -25.00 -6.18 11.20
C SER B 169 -24.08 -6.78 10.12
N VAL B 170 -23.47 -5.91 9.29
CA VAL B 170 -22.47 -6.35 8.26
C VAL B 170 -21.46 -5.21 8.09
N GLY B 171 -20.19 -5.52 7.89
CA GLY B 171 -19.20 -4.47 7.69
C GLY B 171 -17.90 -5.05 7.17
N ARG B 172 -17.12 -4.26 6.46
CA ARG B 172 -15.87 -4.76 5.84
C ARG B 172 -14.85 -3.62 5.85
N ALA B 173 -13.57 -3.99 5.74
CA ALA B 173 -12.44 -3.05 5.68
C ALA B 173 -11.54 -3.54 4.55
N LEU B 174 -11.31 -2.74 3.53
CA LEU B 174 -10.41 -3.12 2.41
C LEU B 174 -9.17 -2.24 2.48
N PHE B 175 -7.98 -2.78 2.18
CA PHE B 175 -6.78 -1.96 2.01
C PHE B 175 -6.99 -1.03 0.80
N TYR B 176 -6.60 0.22 0.94
CA TYR B 176 -6.92 1.28 -0.06
C TYR B 176 -6.30 0.92 -1.41
N ALA B 177 -5.05 0.42 -1.42
CA ALA B 177 -4.30 0.22 -2.67
C ALA B 177 -4.75 -1.09 -3.28
N PRO B 178 -5.06 -1.07 -4.58
CA PRO B 178 -5.16 -2.28 -5.37
C PRO B 178 -3.87 -3.10 -5.34
N VAL B 179 -4.02 -4.43 -5.44
CA VAL B 179 -2.95 -5.44 -5.31
C VAL B 179 -2.87 -6.21 -6.63
N HIS B 180 -1.65 -6.37 -7.13
CA HIS B 180 -1.36 -7.10 -8.39
C HIS B 180 -1.16 -8.55 -7.99
N ILE B 181 -2.18 -9.40 -8.12
CA ILE B 181 -2.25 -10.67 -7.34
C ILE B 181 -1.64 -11.80 -8.18
N TRP B 182 -1.79 -11.72 -9.50
CA TRP B 182 -1.15 -12.66 -10.43
C TRP B 182 -0.68 -11.88 -11.65
N GLU B 183 0.31 -12.42 -12.36
CA GLU B 183 0.75 -11.91 -13.67
C GLU B 183 1.40 -13.09 -14.40
N SER B 184 0.97 -13.37 -15.62
CA SER B 184 1.35 -14.62 -16.34
C SER B 184 2.82 -14.57 -16.83
N SER B 185 3.59 -13.50 -16.59
CA SER B 185 5.06 -13.42 -16.89
C SER B 185 5.93 -13.46 -15.61
N ALA B 186 5.35 -13.81 -14.44
CA ALA B 186 6.07 -14.09 -13.17
C ALA B 186 6.39 -15.59 -13.07
N VAL B 187 7.45 -15.96 -12.36
CA VAL B 187 7.80 -17.39 -12.07
C VAL B 187 7.21 -17.78 -10.70
N VAL B 188 7.07 -16.82 -9.77
CA VAL B 188 6.44 -17.06 -8.45
C VAL B 188 5.55 -15.84 -8.10
N ALA B 189 4.27 -16.10 -7.85
CA ALA B 189 3.26 -15.17 -7.31
C ALA B 189 2.87 -15.75 -5.95
N SER B 190 2.88 -14.97 -4.89
CA SER B 190 2.49 -15.53 -3.59
C SER B 190 1.90 -14.42 -2.72
N PHE B 191 1.06 -14.80 -1.78
CA PHE B 191 0.54 -13.87 -0.77
C PHE B 191 0.40 -14.62 0.54
N GLU B 192 0.43 -13.84 1.61
CA GLU B 192 0.09 -14.33 2.96
C GLU B 192 -0.66 -13.21 3.68
N ALA B 193 -1.59 -13.61 4.52
CA ALA B 193 -2.37 -12.72 5.38
C ALA B 193 -2.43 -13.33 6.78
N THR B 194 -2.27 -12.49 7.80
CA THR B 194 -2.43 -12.82 9.22
C THR B 194 -3.41 -11.81 9.85
N PHE B 195 -4.32 -12.27 10.66
CA PHE B 195 -5.10 -11.36 11.53
C PHE B 195 -5.32 -12.04 12.86
N THR B 196 -5.43 -11.21 13.90
CA THR B 196 -5.86 -11.70 15.24
C THR B 196 -7.24 -11.10 15.50
N PHE B 197 -8.10 -11.90 16.11
CA PHE B 197 -9.54 -11.61 16.21
C PHE B 197 -10.02 -11.97 17.61
N LEU B 198 -11.05 -11.25 18.05
CA LEU B 198 -11.72 -11.52 19.34
C LEU B 198 -13.22 -11.65 19.05
N ILE B 199 -13.73 -12.87 19.05
CA ILE B 199 -15.17 -13.19 18.83
C ILE B 199 -15.80 -13.56 20.17
N LYS B 200 -16.73 -12.74 20.63
CA LYS B 200 -17.38 -12.85 21.97
C LYS B 200 -18.91 -12.76 21.77
N SER B 201 -19.63 -13.81 22.18
CA SER B 201 -21.12 -13.84 22.15
C SER B 201 -21.61 -13.86 23.58
N PRO B 202 -22.40 -12.87 24.06
CA PRO B 202 -22.84 -12.86 25.47
C PRO B 202 -23.84 -14.00 25.73
N ASP B 203 -24.65 -14.31 24.73
CA ASP B 203 -25.71 -15.35 24.75
C ASP B 203 -25.04 -16.72 24.58
N SER B 204 -23.72 -16.73 24.40
CA SER B 204 -22.90 -17.88 23.92
C SER B 204 -23.70 -18.71 22.89
N HIS B 205 -24.40 -18.05 21.97
CA HIS B 205 -24.88 -18.62 20.68
C HIS B 205 -24.36 -17.75 19.55
N PRO B 206 -23.08 -17.92 19.11
CA PRO B 206 -22.44 -16.94 18.23
C PRO B 206 -22.87 -17.03 16.78
N ALA B 207 -22.91 -15.89 16.10
CA ALA B 207 -23.08 -15.85 14.64
C ALA B 207 -22.58 -14.51 14.14
N ASP B 208 -22.15 -14.38 12.88
CA ASP B 208 -22.15 -15.40 11.85
C ASP B 208 -20.71 -15.78 11.46
N GLY B 209 -19.75 -14.87 11.65
CA GLY B 209 -18.33 -15.17 11.36
C GLY B 209 -17.57 -13.99 10.76
N ILE B 210 -16.29 -14.25 10.43
CA ILE B 210 -15.31 -13.29 9.89
C ILE B 210 -14.68 -13.96 8.67
N ALA B 211 -14.43 -13.22 7.59
CA ALA B 211 -13.70 -13.75 6.44
C ALA B 211 -12.58 -12.79 6.06
N PHE B 212 -11.47 -13.35 5.61
CA PHE B 212 -10.49 -12.63 4.77
C PHE B 212 -10.95 -12.86 3.34
N PHE B 213 -10.95 -11.84 2.51
CA PHE B 213 -11.39 -12.02 1.13
C PHE B 213 -10.54 -11.21 0.18
N ILE B 214 -10.67 -11.57 -1.08
CA ILE B 214 -9.99 -10.95 -2.22
C ILE B 214 -11.10 -10.79 -3.25
N SER B 215 -11.21 -9.61 -3.84
CA SER B 215 -12.33 -9.20 -4.69
C SER B 215 -11.81 -8.35 -5.84
N ASN B 216 -12.64 -8.15 -6.84
CA ASN B 216 -12.55 -7.03 -7.79
C ASN B 216 -12.41 -5.71 -6.99
N ILE B 217 -11.63 -4.79 -7.54
CA ILE B 217 -11.20 -3.53 -6.88
C ILE B 217 -12.43 -2.76 -6.39
N ASP B 218 -13.51 -2.73 -7.17
CA ASP B 218 -14.71 -1.89 -6.91
C ASP B 218 -15.74 -2.65 -6.04
N SER B 219 -15.37 -3.77 -5.41
CA SER B 219 -16.29 -4.61 -4.60
C SER B 219 -16.99 -3.76 -3.52
N SER B 220 -18.28 -4.01 -3.33
CA SER B 220 -19.11 -3.42 -2.25
C SER B 220 -19.94 -4.54 -1.62
N ILE B 221 -20.54 -4.26 -0.46
CA ILE B 221 -21.40 -5.20 0.31
C ILE B 221 -22.62 -5.48 -0.54
N PRO B 222 -22.85 -6.74 -0.99
CA PRO B 222 -24.05 -7.07 -1.77
C PRO B 222 -25.31 -6.84 -0.93
N SER B 223 -26.39 -6.40 -1.58
CA SER B 223 -27.76 -6.29 -0.99
C SER B 223 -28.12 -7.60 -0.31
N GLY B 224 -28.63 -7.52 0.93
CA GLY B 224 -29.14 -8.69 1.70
C GLY B 224 -28.04 -9.68 2.04
N SER B 225 -26.81 -9.23 2.32
CA SER B 225 -25.69 -10.17 2.63
C SER B 225 -25.42 -10.23 4.15
N THR B 226 -26.32 -9.73 5.01
CA THR B 226 -26.13 -9.91 6.47
C THR B 226 -26.30 -11.39 6.80
N GLY B 227 -25.94 -11.81 8.00
CA GLY B 227 -26.16 -13.19 8.43
C GLY B 227 -25.26 -14.16 7.67
N ARG B 228 -25.86 -15.25 7.16
CA ARG B 228 -25.12 -16.43 6.67
C ARG B 228 -24.22 -16.09 5.47
N LEU B 229 -24.44 -14.97 4.79
CA LEU B 229 -23.68 -14.66 3.55
C LEU B 229 -22.44 -13.79 3.83
N LEU B 230 -22.22 -13.41 5.10
CA LEU B 230 -20.92 -12.92 5.65
C LEU B 230 -20.49 -11.60 4.98
N GLY B 231 -21.42 -10.84 4.40
CA GLY B 231 -21.13 -9.61 3.66
C GLY B 231 -20.36 -9.84 2.38
N LEU B 232 -20.32 -11.07 1.85
CA LEU B 232 -19.50 -11.40 0.67
C LEU B 232 -20.37 -11.69 -0.57
N PHE B 233 -21.52 -12.35 -0.40
CA PHE B 233 -22.29 -12.92 -1.54
C PHE B 233 -23.73 -12.43 -1.54
N PRO B 234 -24.31 -12.23 -2.75
CA PRO B 234 -25.69 -11.77 -2.90
C PRO B 234 -26.73 -12.87 -2.60
N ASP B 235 -26.33 -14.12 -2.76
CA ASP B 235 -27.24 -15.31 -2.64
C ASP B 235 -26.44 -16.53 -2.18
N ALA B 236 -27.13 -17.66 -1.97
CA ALA B 236 -26.59 -18.90 -1.39
C ALA B 236 -26.21 -19.92 -2.47
N ASN B 237 -26.15 -19.56 -3.76
CA ASN B 237 -25.77 -20.51 -4.83
C ASN B 237 -24.30 -20.97 -4.64
#